data_3S44
#
_entry.id   3S44
#
_cell.length_a   52.440
_cell.length_b   61.570
_cell.length_c   62.580
_cell.angle_alpha   90.00
_cell.angle_beta   114.15
_cell.angle_gamma   90.00
#
_symmetry.space_group_name_H-M   'P 1 21 1'
#
loop_
_entity.id
_entity.type
_entity.pdbx_description
1 polymer Alpha-2,3/2,6-sialyltransferase/sialidase
2 non-polymer CMP-3F(a)-Neu5Ac
3 water water
#
_entity_poly.entity_id   1
_entity_poly.type   'polypeptide(L)'
_entity_poly.pdbx_seq_one_letter_code
;MKTITLYLDPASLPALNQLMDFTQNNEDKTHPRIFGLSRFKIPDNIITQYQNIHFVELKDNRPTEALFTILDQYPGNIEL
NIHLNIAHSVQLIRPILAYRFKHLDRVSIQQLNLYDDGSDEYVDLEKEENKDISAEIKQAEKQLSHYLLTGKIKFDNPTI
ARYVWQSAFPVKYHFLSTDYFEKAEFLQPLKEYLAENYQKMDWTAYQQLTPEQQAFYLTLVGFNDEVKQSLEVQQAKFIF
TGTTTWEGNTDVREYYAQQQLNLLNHFTQAEGDLFIGDHYKIYFKGHPRGGEINDYILNNAKNITNIPANISFEVLMMTG
LLPDKVGGVASSLYFSLPKEKISHIIFTSNKQVKSKEDALNNPYVKVMRRLGIIDESQVIFWDSLKQLGGGLEHHHHHH
;
_entity_poly.pdbx_strand_id   A
#
# COMPACT_ATOMS: atom_id res chain seq x y z
N MET A 1 6.77 -26.87 -20.91
CA MET A 1 6.44 -26.29 -19.58
C MET A 1 5.31 -25.26 -19.63
N LYS A 2 4.73 -24.98 -18.48
CA LYS A 2 3.65 -24.02 -18.38
C LYS A 2 4.02 -23.02 -17.29
N THR A 3 3.71 -21.73 -17.52
CA THR A 3 3.84 -20.72 -16.48
C THR A 3 2.52 -20.54 -15.76
N ILE A 4 2.58 -20.51 -14.43
CA ILE A 4 1.44 -20.18 -13.60
C ILE A 4 1.77 -18.87 -12.87
N THR A 5 0.88 -17.89 -12.95
CA THR A 5 1.07 -16.63 -12.23
C THR A 5 0.29 -16.56 -10.94
N LEU A 6 0.97 -16.19 -9.85
CA LEU A 6 0.34 -16.10 -8.52
C LEU A 6 0.40 -14.68 -8.05
N TYR A 7 -0.75 -14.17 -7.64
CA TYR A 7 -0.87 -12.79 -7.16
C TYR A 7 -1.32 -12.80 -5.70
N LEU A 8 -0.38 -12.54 -4.77
CA LEU A 8 -0.65 -12.70 -3.32
C LEU A 8 -0.41 -11.40 -2.57
N ASP A 9 -1.42 -10.97 -1.81
CA ASP A 9 -1.29 -9.78 -0.95
C ASP A 9 -2.39 -9.68 0.08
N PRO A 10 -2.04 -9.52 1.35
CA PRO A 10 -3.09 -9.26 2.37
C PRO A 10 -3.48 -7.78 2.47
N ALA A 11 -2.66 -6.92 1.89
CA ALA A 11 -2.80 -5.47 2.09
C ALA A 11 -3.52 -4.84 0.90
N SER A 12 -3.16 -3.62 0.52
CA SER A 12 -3.80 -2.93 -0.62
C SER A 12 -2.86 -2.58 -1.74
N LEU A 13 -1.73 -1.95 -1.42
CA LEU A 13 -0.89 -1.42 -2.46
C LEU A 13 -0.30 -2.53 -3.38
N PRO A 14 0.26 -3.62 -2.81
CA PRO A 14 0.73 -4.65 -3.72
C PRO A 14 -0.40 -5.21 -4.59
N ALA A 15 -1.55 -5.46 -3.99
CA ALA A 15 -2.74 -5.90 -4.74
C ALA A 15 -3.10 -4.96 -5.90
N LEU A 16 -3.06 -3.64 -5.65
CA LEU A 16 -3.38 -2.69 -6.73
C LEU A 16 -2.41 -2.80 -7.89
N ASN A 17 -1.14 -3.04 -7.55
CA ASN A 17 -0.14 -3.24 -8.58
C ASN A 17 -0.27 -4.57 -9.32
N GLN A 18 -0.68 -5.58 -8.55
CA GLN A 18 -0.87 -6.90 -9.13
C GLN A 18 -2.10 -6.95 -10.04
N LEU A 19 -3.17 -6.25 -9.63
CA LEU A 19 -4.34 -6.09 -10.48
C LEU A 19 -4.01 -5.28 -11.75
N MET A 20 -3.05 -4.36 -11.65
CA MET A 20 -2.58 -3.67 -12.83
C MET A 20 -1.84 -4.63 -13.74
N ASP A 21 -1.00 -5.50 -13.15
CA ASP A 21 -0.31 -6.49 -13.98
C ASP A 21 -1.29 -7.42 -14.72
N PHE A 22 -2.30 -7.87 -14.01
CA PHE A 22 -3.36 -8.69 -14.63
C PHE A 22 -4.03 -7.91 -15.77
N THR A 23 -4.41 -6.64 -15.52
CA THR A 23 -5.01 -5.82 -16.55
C THR A 23 -4.13 -5.71 -17.80
N GLN A 24 -2.83 -5.43 -17.59
CA GLN A 24 -1.89 -5.30 -18.73
C GLN A 24 -1.84 -6.57 -19.57
N ASN A 25 -2.04 -7.72 -18.91
CA ASN A 25 -1.97 -9.01 -19.59
C ASN A 25 -3.35 -9.58 -19.91
N ASN A 26 -4.36 -8.73 -19.88
CA ASN A 26 -5.74 -9.23 -19.89
C ASN A 26 -6.29 -9.73 -21.24
N GLU A 27 -5.51 -9.55 -22.31
CA GLU A 27 -5.89 -10.09 -23.61
C GLU A 27 -5.61 -11.57 -23.68
N ASP A 28 -4.73 -12.06 -22.79
CA ASP A 28 -4.47 -13.49 -22.65
C ASP A 28 -5.56 -14.07 -21.72
N LYS A 29 -6.57 -14.72 -22.29
CA LYS A 29 -7.74 -15.12 -21.52
C LYS A 29 -7.58 -16.47 -20.81
N THR A 30 -6.46 -17.17 -21.03
CA THR A 30 -6.32 -18.55 -20.58
C THR A 30 -5.03 -18.85 -19.79
N HIS A 31 -4.19 -17.83 -19.62
CA HIS A 31 -3.00 -17.99 -18.82
C HIS A 31 -3.36 -18.40 -17.38
N PRO A 32 -2.77 -19.50 -16.83
CA PRO A 32 -3.16 -19.91 -15.47
C PRO A 32 -2.81 -18.82 -14.45
N ARG A 33 -3.79 -18.46 -13.62
CA ARG A 33 -3.66 -17.40 -12.64
C ARG A 33 -4.28 -17.82 -11.32
N ILE A 34 -3.59 -17.51 -10.23
CA ILE A 34 -4.07 -17.75 -8.88
C ILE A 34 -4.06 -16.42 -8.13
N PHE A 35 -5.24 -15.98 -7.67
CA PHE A 35 -5.37 -14.73 -6.94
C PHE A 35 -5.59 -14.98 -5.47
N GLY A 36 -4.71 -14.42 -4.64
CA GLY A 36 -4.91 -14.41 -3.16
C GLY A 36 -4.73 -13.00 -2.66
N LEU A 37 -5.71 -12.16 -3.04
CA LEU A 37 -5.69 -10.73 -2.73
C LEU A 37 -6.82 -10.48 -1.74
N SER A 38 -6.50 -10.55 -0.45
CA SER A 38 -7.52 -10.50 0.61
C SER A 38 -8.49 -9.33 0.57
N ARG A 39 -8.06 -8.18 0.05
CA ARG A 39 -8.91 -7.00 0.14
C ARG A 39 -9.73 -6.72 -1.11
N PHE A 40 -9.53 -7.56 -2.13
CA PHE A 40 -10.18 -7.35 -3.41
C PHE A 40 -10.96 -8.55 -3.89
N LYS A 41 -12.22 -8.31 -4.17
CA LYS A 41 -13.09 -9.31 -4.79
C LYS A 41 -13.19 -8.98 -6.29
N ILE A 42 -12.71 -9.85 -7.16
CA ILE A 42 -12.83 -9.63 -8.61
C ILE A 42 -14.27 -9.98 -9.00
N PRO A 43 -14.98 -9.08 -9.72
CA PRO A 43 -16.37 -9.35 -10.03
C PRO A 43 -16.58 -10.59 -10.89
N ASP A 44 -17.70 -11.29 -10.67
CA ASP A 44 -18.06 -12.47 -11.43
C ASP A 44 -17.94 -12.24 -12.91
N ASN A 45 -18.44 -11.09 -13.38
CA ASN A 45 -18.50 -10.89 -14.81
C ASN A 45 -17.15 -10.54 -15.45
N ILE A 46 -16.12 -10.33 -14.63
CA ILE A 46 -14.74 -10.34 -15.12
C ILE A 46 -14.20 -11.79 -15.07
N ILE A 47 -14.42 -12.48 -13.94
CA ILE A 47 -13.89 -13.84 -13.79
C ILE A 47 -14.32 -14.80 -14.93
N THR A 48 -15.58 -14.71 -15.33
CA THR A 48 -16.12 -15.63 -16.35
C THR A 48 -15.62 -15.38 -17.75
N GLN A 49 -14.89 -14.28 -17.94
CA GLN A 49 -14.17 -14.03 -19.20
C GLN A 49 -12.87 -14.83 -19.34
N TYR A 50 -12.43 -15.48 -18.26
CA TYR A 50 -11.11 -16.10 -18.19
C TYR A 50 -11.25 -17.57 -17.94
N GLN A 51 -10.28 -18.31 -18.49
CA GLN A 51 -10.14 -19.74 -18.18
C GLN A 51 -8.91 -19.89 -17.32
N ASN A 52 -8.85 -21.01 -16.56
CA ASN A 52 -7.69 -21.34 -15.73
C ASN A 52 -7.38 -20.24 -14.70
N ILE A 53 -8.45 -19.64 -14.20
CA ILE A 53 -8.36 -18.60 -13.17
C ILE A 53 -8.83 -19.17 -11.83
N HIS A 54 -8.05 -18.90 -10.79
CA HIS A 54 -8.23 -19.53 -9.48
C HIS A 54 -8.10 -18.54 -8.37
N PHE A 55 -8.77 -18.87 -7.26
CA PHE A 55 -8.78 -18.03 -6.05
C PHE A 55 -8.41 -18.80 -4.84
N VAL A 56 -7.59 -18.18 -4.00
CA VAL A 56 -7.16 -18.78 -2.74
C VAL A 56 -7.28 -17.76 -1.60
N GLU A 57 -7.67 -18.21 -0.42
CA GLU A 57 -7.71 -17.35 0.75
C GLU A 57 -6.32 -17.25 1.40
N LEU A 58 -6.04 -16.13 2.04
CA LEU A 58 -4.90 -16.04 2.94
C LEU A 58 -5.37 -16.12 4.38
N LYS A 59 -4.63 -16.88 5.16
CA LYS A 59 -4.81 -16.87 6.61
C LYS A 59 -3.45 -16.66 7.22
N ASP A 60 -3.38 -15.69 8.13
CA ASP A 60 -2.15 -15.31 8.80
C ASP A 60 -1.03 -15.11 7.79
N ASN A 61 -1.35 -14.33 6.76
CA ASN A 61 -0.40 -13.89 5.74
C ASN A 61 0.23 -15.02 4.92
N ARG A 62 -0.52 -16.12 4.75
CA ARG A 62 -0.10 -17.28 3.97
C ARG A 62 -1.27 -17.81 3.18
N PRO A 63 -1.06 -18.22 1.92
CA PRO A 63 -2.14 -18.94 1.23
C PRO A 63 -2.42 -20.27 1.93
N THR A 64 -3.69 -20.63 2.02
CA THR A 64 -4.06 -21.90 2.65
C THR A 64 -3.63 -23.07 1.77
N GLU A 65 -3.70 -24.27 2.35
CA GLU A 65 -3.40 -25.53 1.66
C GLU A 65 -4.26 -25.78 0.39
N ALA A 66 -5.34 -25.02 0.22
CA ALA A 66 -6.13 -25.07 -1.00
C ALA A 66 -5.29 -24.68 -2.22
N LEU A 67 -4.20 -23.97 -1.98
CA LEU A 67 -3.22 -23.75 -3.03
C LEU A 67 -2.67 -25.03 -3.71
N PHE A 68 -2.40 -26.09 -2.94
CA PHE A 68 -1.82 -27.31 -3.50
C PHE A 68 -2.80 -28.02 -4.42
N THR A 69 -4.07 -27.95 -4.06
CA THR A 69 -5.18 -28.48 -4.85
C THR A 69 -5.21 -27.80 -6.21
N ILE A 70 -5.01 -26.48 -6.20
CA ILE A 70 -4.95 -25.77 -7.47
C ILE A 70 -3.74 -26.19 -8.31
N LEU A 71 -2.55 -26.22 -7.71
CA LEU A 71 -1.33 -26.50 -8.46
C LEU A 71 -1.32 -27.92 -9.03
N ASP A 72 -1.97 -28.82 -8.31
CA ASP A 72 -2.09 -30.20 -8.74
C ASP A 72 -2.92 -30.36 -10.03
N GLN A 73 -3.70 -29.34 -10.38
CA GLN A 73 -4.45 -29.36 -11.63
C GLN A 73 -3.54 -29.19 -12.85
N TYR A 74 -2.28 -28.87 -12.58
CA TYR A 74 -1.29 -28.61 -13.61
C TYR A 74 -0.16 -29.60 -13.42
N PRO A 75 -0.32 -30.82 -13.97
CA PRO A 75 0.53 -31.91 -13.54
C PRO A 75 1.91 -32.05 -14.18
N GLY A 76 2.25 -31.24 -15.18
CA GLY A 76 3.57 -31.42 -15.81
C GLY A 76 4.65 -30.47 -15.27
N ASN A 77 5.59 -30.09 -16.12
CA ASN A 77 6.60 -29.12 -15.75
C ASN A 77 5.99 -27.71 -15.67
N ILE A 78 6.10 -27.09 -14.50
CA ILE A 78 5.51 -25.77 -14.30
C ILE A 78 6.53 -24.79 -13.74
N GLU A 79 6.44 -23.56 -14.22
CA GLU A 79 7.28 -22.48 -13.69
C GLU A 79 6.35 -21.44 -13.06
N LEU A 80 6.71 -20.98 -11.86
CA LEU A 80 5.86 -20.05 -11.12
C LEU A 80 6.36 -18.61 -11.23
N ASN A 81 5.44 -17.73 -11.60
CA ASN A 81 5.66 -16.30 -11.69
C ASN A 81 4.91 -15.67 -10.54
N ILE A 82 5.63 -15.20 -9.53
CA ILE A 82 5.05 -14.94 -8.24
C ILE A 82 5.11 -13.44 -7.92
N HIS A 83 3.99 -12.88 -7.48
CA HIS A 83 3.93 -11.47 -7.06
C HIS A 83 3.55 -11.42 -5.58
N LEU A 84 4.32 -10.63 -4.82
CA LEU A 84 4.18 -10.63 -3.36
C LEU A 84 4.28 -9.24 -2.77
N ASN A 85 3.66 -9.09 -1.61
CA ASN A 85 3.89 -7.96 -0.67
C ASN A 85 5.28 -8.11 -0.01
N ILE A 86 6.10 -7.06 -0.04
CA ILE A 86 7.49 -7.13 0.50
C ILE A 86 7.47 -7.47 1.99
N ALA A 87 6.73 -6.69 2.76
CA ALA A 87 6.69 -6.90 4.22
C ALA A 87 6.36 -8.32 4.59
N HIS A 88 5.41 -8.93 3.87
CA HIS A 88 4.93 -10.27 4.17
C HIS A 88 5.48 -11.37 3.28
N SER A 89 6.55 -11.06 2.54
CA SER A 89 7.02 -11.99 1.51
C SER A 89 7.43 -13.36 2.08
N VAL A 90 8.09 -13.36 3.24
CA VAL A 90 8.53 -14.62 3.81
C VAL A 90 7.38 -15.58 4.13
N GLN A 91 6.34 -15.07 4.79
CA GLN A 91 5.14 -15.88 5.08
C GLN A 91 4.36 -16.26 3.83
N LEU A 92 4.22 -15.33 2.91
CA LEU A 92 3.39 -15.59 1.75
C LEU A 92 3.95 -16.69 0.86
N ILE A 93 5.28 -16.77 0.78
CA ILE A 93 5.90 -17.73 -0.12
C ILE A 93 6.02 -19.14 0.51
N ARG A 94 5.77 -19.25 1.82
CA ARG A 94 6.01 -20.51 2.56
C ARG A 94 5.39 -21.72 1.86
N PRO A 95 4.08 -21.68 1.56
CA PRO A 95 3.51 -22.88 0.93
C PRO A 95 3.97 -23.14 -0.52
N ILE A 96 4.36 -22.08 -1.24
CA ILE A 96 4.91 -22.24 -2.56
C ILE A 96 6.28 -22.96 -2.53
N LEU A 97 7.15 -22.56 -1.60
CA LEU A 97 8.46 -23.20 -1.47
C LEU A 97 8.30 -24.66 -1.09
N ALA A 98 7.29 -24.94 -0.26
CA ALA A 98 7.03 -26.32 0.09
C ALA A 98 6.70 -27.18 -1.14
N TYR A 99 5.84 -26.66 -2.00
CA TYR A 99 5.40 -27.38 -3.19
C TYR A 99 6.58 -27.58 -4.15
N ARG A 100 7.43 -26.58 -4.24
CA ARG A 100 8.61 -26.63 -5.09
C ARG A 100 9.53 -27.73 -4.61
N PHE A 101 9.77 -27.73 -3.30
CA PHE A 101 10.69 -28.69 -2.71
C PHE A 101 10.22 -30.11 -3.00
N LYS A 102 8.92 -30.39 -2.82
CA LYS A 102 8.37 -31.75 -3.05
C LYS A 102 8.47 -32.15 -4.52
N HIS A 103 8.49 -31.17 -5.40
CA HIS A 103 8.42 -31.44 -6.83
C HIS A 103 9.58 -30.80 -7.58
N LEU A 104 10.79 -30.94 -7.05
CA LEU A 104 11.92 -30.12 -7.54
C LEU A 104 12.37 -30.48 -8.95
N ASP A 105 11.87 -31.58 -9.47
CA ASP A 105 12.21 -32.08 -10.79
C ASP A 105 11.38 -31.41 -11.88
N ARG A 106 10.29 -30.75 -11.45
CA ARG A 106 9.23 -30.33 -12.37
C ARG A 106 8.61 -28.97 -12.01
N VAL A 107 8.87 -28.46 -10.81
CA VAL A 107 8.40 -27.12 -10.39
C VAL A 107 9.61 -26.23 -10.18
N SER A 108 9.60 -25.06 -10.80
CA SER A 108 10.65 -24.08 -10.58
C SER A 108 10.06 -22.68 -10.49
N ILE A 109 10.81 -21.78 -9.90
CA ILE A 109 10.39 -20.39 -9.76
C ILE A 109 11.01 -19.60 -10.89
N GLN A 110 10.16 -19.06 -11.75
CA GLN A 110 10.55 -18.29 -12.89
C GLN A 110 11.02 -16.91 -12.44
N GLN A 111 10.25 -16.32 -11.53
CA GLN A 111 10.60 -15.03 -10.99
C GLN A 111 9.71 -14.51 -9.90
N LEU A 112 10.21 -13.50 -9.18
CA LEU A 112 9.41 -12.82 -8.15
C LEU A 112 9.34 -11.37 -8.49
N ASN A 113 8.17 -10.80 -8.23
CA ASN A 113 7.98 -9.36 -8.22
C ASN A 113 7.46 -8.99 -6.85
N LEU A 114 8.10 -8.04 -6.17
CA LEU A 114 7.76 -7.70 -4.78
C LEU A 114 7.45 -6.20 -4.72
N TYR A 115 6.38 -5.86 -3.99
CA TYR A 115 5.89 -4.48 -3.92
C TYR A 115 5.73 -4.04 -2.50
N ASP A 116 6.08 -2.81 -2.21
CA ASP A 116 5.87 -2.25 -0.88
C ASP A 116 4.40 -2.26 -0.49
N ASP A 117 4.17 -2.55 0.81
CA ASP A 117 2.88 -2.51 1.52
C ASP A 117 2.53 -1.02 1.79
N GLY A 118 3.52 -0.22 2.19
CA GLY A 118 3.30 1.17 2.57
C GLY A 118 4.46 1.64 3.44
N SER A 119 4.15 2.44 4.45
CA SER A 119 5.14 2.98 5.37
C SER A 119 5.88 1.93 6.19
N ASP A 120 5.24 0.77 6.40
CA ASP A 120 5.81 -0.22 7.35
C ASP A 120 7.21 -0.65 6.93
N GLU A 121 7.44 -0.87 5.64
CA GLU A 121 8.77 -1.32 5.21
C GLU A 121 9.86 -0.35 5.66
N TYR A 122 9.55 0.94 5.57
CA TYR A 122 10.46 2.04 5.88
C TYR A 122 10.63 2.24 7.37
N VAL A 123 9.53 2.19 8.11
CA VAL A 123 9.56 2.26 9.56
C VAL A 123 10.41 1.08 10.08
N ASP A 124 10.23 -0.11 9.48
CA ASP A 124 11.02 -1.28 9.87
C ASP A 124 12.50 -1.14 9.54
N LEU A 125 12.83 -0.58 8.38
CA LEU A 125 14.24 -0.40 8.03
C LEU A 125 14.93 0.60 8.96
N GLU A 126 14.19 1.62 9.39
CA GLU A 126 14.77 2.60 10.32
C GLU A 126 15.28 1.95 11.61
N LYS A 127 14.61 0.90 12.04
CA LYS A 127 14.99 0.19 13.27
C LYS A 127 16.33 -0.52 13.11
N GLU A 128 16.77 -0.70 11.87
CA GLU A 128 18.06 -1.36 11.61
C GLU A 128 19.26 -0.39 11.50
N GLU A 129 19.06 0.87 11.86
CA GLU A 129 20.07 1.92 11.57
C GLU A 129 21.49 1.74 12.16
N ASN A 130 21.56 1.09 13.29
CA ASN A 130 22.86 0.89 13.98
C ASN A 130 23.42 -0.51 13.81
N LYS A 131 22.92 -1.22 12.82
CA LYS A 131 23.39 -2.56 12.54
C LYS A 131 24.39 -2.59 11.38
N ASP A 132 25.18 -3.64 11.32
CA ASP A 132 26.10 -3.81 10.20
C ASP A 132 25.32 -4.45 9.05
N ILE A 133 24.85 -3.61 8.13
CA ILE A 133 23.95 -4.07 7.09
C ILE A 133 24.60 -5.10 6.16
N SER A 134 25.88 -4.92 5.86
CA SER A 134 26.57 -5.92 5.03
C SER A 134 26.50 -7.31 5.68
N ALA A 135 26.79 -7.37 6.98
CA ALA A 135 26.75 -8.62 7.70
C ALA A 135 25.32 -9.18 7.83
N GLU A 136 24.34 -8.30 8.03
CA GLU A 136 22.93 -8.75 8.13
C GLU A 136 22.48 -9.37 6.80
N ILE A 137 22.87 -8.79 5.68
CA ILE A 137 22.53 -9.35 4.36
C ILE A 137 23.12 -10.75 4.17
N LYS A 138 24.40 -10.91 4.49
CA LYS A 138 25.04 -12.21 4.27
C LYS A 138 24.41 -13.30 5.14
N GLN A 139 24.07 -12.94 6.38
CA GLN A 139 23.45 -13.91 7.28
C GLN A 139 22.05 -14.25 6.80
N ALA A 140 21.30 -13.25 6.33
CA ALA A 140 19.97 -13.53 5.83
C ALA A 140 19.99 -14.43 4.60
N GLU A 141 20.97 -14.25 3.71
CA GLU A 141 21.09 -15.11 2.55
C GLU A 141 21.25 -16.56 3.01
N LYS A 142 22.08 -16.78 4.02
CA LYS A 142 22.32 -18.14 4.50
C LYS A 142 21.03 -18.73 5.06
N GLN A 143 20.30 -17.96 5.84
CA GLN A 143 19.07 -18.45 6.43
C GLN A 143 17.98 -18.67 5.39
N LEU A 144 17.96 -17.84 4.35
CA LEU A 144 17.04 -18.08 3.23
C LEU A 144 17.37 -19.40 2.51
N SER A 145 18.64 -19.67 2.21
CA SER A 145 19.04 -20.96 1.62
CA SER A 145 19.02 -20.94 1.61
C SER A 145 18.48 -22.12 2.43
N HIS A 146 18.58 -22.03 3.75
CA HIS A 146 18.08 -23.08 4.70
C HIS A 146 16.56 -23.17 4.62
N TYR A 147 15.90 -22.01 4.50
CA TYR A 147 14.45 -21.95 4.37
C TYR A 147 13.94 -22.67 3.14
N LEU A 148 14.55 -22.37 1.99
CA LEU A 148 14.29 -23.06 0.74
C LEU A 148 14.32 -24.60 0.89
N LEU A 149 15.26 -25.12 1.68
CA LEU A 149 15.38 -26.57 1.85
C LEU A 149 14.47 -27.18 2.93
N THR A 150 14.19 -26.44 3.99
CA THR A 150 13.59 -27.07 5.19
C THR A 150 12.20 -26.54 5.52
N GLY A 151 11.90 -25.33 5.05
CA GLY A 151 10.68 -24.62 5.39
C GLY A 151 10.79 -23.99 6.76
N LYS A 152 11.92 -24.21 7.42
CA LYS A 152 12.15 -23.59 8.72
C LYS A 152 12.42 -22.11 8.52
N ILE A 153 11.49 -21.29 9.02
CA ILE A 153 11.67 -19.85 9.05
C ILE A 153 12.29 -19.54 10.40
N LYS A 154 13.54 -19.06 10.37
CA LYS A 154 14.17 -18.42 11.51
C LYS A 154 15.22 -17.46 10.97
N PHE A 155 14.81 -16.21 10.80
CA PHE A 155 15.74 -15.19 10.40
C PHE A 155 16.21 -14.39 11.60
N ASP A 156 17.52 -14.16 11.69
CA ASP A 156 18.10 -13.26 12.68
C ASP A 156 17.63 -11.83 12.48
N ASN A 157 17.35 -11.51 11.22
CA ASN A 157 16.87 -10.16 10.85
C ASN A 157 15.74 -10.29 9.86
N PRO A 158 14.52 -10.47 10.37
CA PRO A 158 13.37 -10.64 9.47
C PRO A 158 13.19 -9.47 8.51
N THR A 159 13.58 -8.25 8.93
CA THR A 159 13.44 -7.09 8.06
C THR A 159 14.37 -7.16 6.86
N ILE A 160 15.66 -7.39 7.12
CA ILE A 160 16.60 -7.52 6.02
C ILE A 160 16.31 -8.74 5.15
N ALA A 161 15.80 -9.80 5.75
CA ALA A 161 15.50 -11.00 4.96
C ALA A 161 14.50 -10.69 3.82
N ARG A 162 13.69 -9.65 3.98
CA ARG A 162 12.75 -9.24 2.94
C ARG A 162 13.44 -8.90 1.60
N TYR A 163 14.76 -8.65 1.66
CA TYR A 163 15.52 -8.05 0.56
C TYR A 163 16.60 -8.95 -0.01
N VAL A 164 16.62 -10.22 0.38
CA VAL A 164 17.72 -11.10 -0.07
C VAL A 164 17.25 -12.17 -1.05
N TRP A 165 16.04 -11.99 -1.56
CA TRP A 165 15.50 -12.97 -2.54
C TRP A 165 16.35 -13.23 -3.78
N GLN A 166 17.13 -12.25 -4.23
CA GLN A 166 17.96 -12.45 -5.42
C GLN A 166 19.03 -13.55 -5.26
N SER A 167 19.33 -13.91 -4.02
CA SER A 167 20.28 -15.01 -3.73
C SER A 167 19.71 -16.38 -4.11
N ALA A 168 18.40 -16.43 -4.38
CA ALA A 168 17.72 -17.67 -4.74
C ALA A 168 17.01 -17.60 -6.10
N PHE A 169 16.40 -16.46 -6.43
CA PHE A 169 15.51 -16.40 -7.58
C PHE A 169 15.70 -15.10 -8.32
N PRO A 170 15.30 -15.04 -9.62
CA PRO A 170 15.24 -13.73 -10.29
C PRO A 170 14.18 -12.88 -9.58
N VAL A 171 14.47 -11.61 -9.34
CA VAL A 171 13.57 -10.76 -8.55
CA VAL A 171 13.56 -10.78 -8.57
C VAL A 171 13.57 -9.33 -9.04
N LYS A 172 12.40 -8.70 -8.98
CA LYS A 172 12.23 -7.27 -9.21
C LYS A 172 11.49 -6.69 -8.01
N TYR A 173 12.07 -5.67 -7.39
CA TYR A 173 11.42 -4.92 -6.31
C TYR A 173 10.84 -3.62 -6.83
N HIS A 174 9.69 -3.24 -6.28
CA HIS A 174 9.00 -2.01 -6.64
C HIS A 174 8.82 -1.20 -5.37
N PHE A 175 9.58 -0.11 -5.27
CA PHE A 175 9.66 0.65 -4.00
C PHE A 175 8.90 1.97 -4.04
N LEU A 176 8.20 2.29 -2.94
CA LEU A 176 7.63 3.62 -2.75
C LEU A 176 8.67 4.74 -2.70
N SER A 177 9.80 4.47 -2.07
CA SER A 177 10.86 5.46 -1.97
C SER A 177 12.22 4.88 -2.34
N THR A 178 12.64 5.10 -3.60
CA THR A 178 14.01 4.77 -3.97
C THR A 178 15.02 5.72 -3.31
N ASP A 179 14.58 6.96 -3.07
CA ASP A 179 15.39 7.95 -2.35
C ASP A 179 15.84 7.42 -0.98
N TYR A 180 14.97 6.70 -0.29
CA TYR A 180 15.34 6.14 1.01
C TYR A 180 16.56 5.23 0.90
N PHE A 181 16.54 4.31 -0.07
CA PHE A 181 17.63 3.36 -0.24
C PHE A 181 18.91 4.04 -0.72
N GLU A 182 18.74 5.11 -1.48
CA GLU A 182 19.88 5.79 -2.08
C GLU A 182 20.50 6.84 -1.16
N LYS A 183 19.74 7.34 -0.19
CA LYS A 183 20.19 8.45 0.64
C LYS A 183 20.41 8.15 2.11
N ALA A 184 19.84 7.05 2.59
CA ALA A 184 20.11 6.63 3.97
C ALA A 184 21.48 5.96 3.98
N GLU A 185 22.45 6.62 4.60
CA GLU A 185 23.84 6.15 4.57
C GLU A 185 24.02 4.71 5.05
N PHE A 186 23.32 4.33 6.12
CA PHE A 186 23.47 3.01 6.69
C PHE A 186 23.02 1.89 5.75
N LEU A 187 22.18 2.26 4.79
CA LEU A 187 21.64 1.29 3.83
C LEU A 187 22.48 1.18 2.57
N GLN A 188 23.58 1.92 2.50
CA GLN A 188 24.45 1.80 1.33
C GLN A 188 24.81 0.35 0.92
N PRO A 189 25.14 -0.54 1.90
CA PRO A 189 25.42 -1.94 1.49
C PRO A 189 24.23 -2.64 0.85
N LEU A 190 23.03 -2.31 1.32
CA LEU A 190 21.81 -2.90 0.77
C LEU A 190 21.50 -2.32 -0.60
N LYS A 191 21.64 -1.00 -0.73
CA LYS A 191 21.47 -0.39 -2.05
C LYS A 191 22.39 -1.01 -3.10
N GLU A 192 23.68 -1.15 -2.77
CA GLU A 192 24.61 -1.75 -3.70
C GLU A 192 24.34 -3.23 -3.97
N TYR A 193 23.98 -3.97 -2.90
CA TYR A 193 23.59 -5.38 -3.03
C TYR A 193 22.43 -5.54 -4.02
N LEU A 194 21.42 -4.70 -3.90
CA LEU A 194 20.22 -4.84 -4.73
C LEU A 194 20.51 -4.57 -6.19
N ALA A 195 21.56 -3.80 -6.47
CA ALA A 195 22.07 -3.65 -7.82
C ALA A 195 20.96 -3.16 -8.77
N GLU A 196 20.70 -3.85 -9.87
CA GLU A 196 19.68 -3.43 -10.80
C GLU A 196 18.31 -4.09 -10.53
N ASN A 197 18.12 -4.61 -9.32
CA ASN A 197 16.91 -5.39 -9.04
C ASN A 197 15.76 -4.61 -8.48
N TYR A 198 15.88 -3.28 -8.40
CA TYR A 198 14.74 -2.47 -7.93
C TYR A 198 14.43 -1.31 -8.85
N GLN A 199 13.19 -0.85 -8.76
CA GLN A 199 12.76 0.38 -9.42
C GLN A 199 11.69 1.05 -8.56
N LYS A 200 11.44 2.33 -8.84
CA LYS A 200 10.38 3.03 -8.14
C LYS A 200 9.02 2.49 -8.57
N MET A 201 8.08 2.46 -7.63
CA MET A 201 6.74 1.96 -7.94
CA MET A 201 6.69 2.03 -7.87
C MET A 201 6.13 2.75 -9.10
N ASP A 202 5.42 2.01 -9.96
CA ASP A 202 4.87 2.55 -11.23
C ASP A 202 3.46 3.12 -11.15
N TRP A 203 3.39 4.38 -10.74
CA TRP A 203 2.09 5.05 -10.57
C TRP A 203 1.42 5.46 -11.86
N THR A 204 2.15 5.45 -12.96
CA THR A 204 1.61 5.86 -14.23
C THR A 204 1.20 4.75 -15.21
N ALA A 205 1.24 3.50 -14.77
CA ALA A 205 0.90 2.38 -15.65
C ALA A 205 -0.52 2.54 -16.24
N TYR A 206 -1.46 3.01 -15.43
CA TYR A 206 -2.83 3.22 -15.90
C TYR A 206 -2.88 4.06 -17.15
N GLN A 207 -2.02 5.08 -17.23
CA GLN A 207 -2.08 6.00 -18.38
C GLN A 207 -1.69 5.36 -19.71
N GLN A 208 -1.00 4.22 -19.62
CA GLN A 208 -0.50 3.52 -20.81
C GLN A 208 -1.45 2.39 -21.25
N LEU A 209 -2.44 2.08 -20.41
CA LEU A 209 -3.49 1.10 -20.77
C LEU A 209 -4.39 1.58 -21.92
N THR A 210 -5.03 0.64 -22.61
CA THR A 210 -6.11 1.01 -23.55
C THR A 210 -7.29 1.58 -22.77
N PRO A 211 -8.16 2.35 -23.42
CA PRO A 211 -9.38 2.78 -22.72
C PRO A 211 -10.20 1.62 -22.15
N GLU A 212 -10.25 0.52 -22.91
CA GLU A 212 -10.94 -0.68 -22.42
C GLU A 212 -10.28 -1.25 -21.16
N GLN A 213 -8.95 -1.29 -21.14
CA GLN A 213 -8.22 -1.76 -19.97
C GLN A 213 -8.37 -0.81 -18.78
N GLN A 214 -8.42 0.51 -19.06
CA GLN A 214 -8.63 1.45 -17.98
C GLN A 214 -9.96 1.18 -17.31
N ALA A 215 -11.02 0.96 -18.11
CA ALA A 215 -12.33 0.61 -17.50
C ALA A 215 -12.28 -0.70 -16.73
N PHE A 216 -11.56 -1.68 -17.27
CA PHE A 216 -11.39 -2.99 -16.62
C PHE A 216 -10.72 -2.80 -15.27
N TYR A 217 -9.64 -2.01 -15.27
CA TYR A 217 -8.96 -1.76 -14.00
C TYR A 217 -9.85 -1.10 -12.95
N LEU A 218 -10.61 -0.07 -13.36
CA LEU A 218 -11.51 0.59 -12.42
C LEU A 218 -12.52 -0.39 -11.83
N THR A 219 -13.00 -1.32 -12.64
CA THR A 219 -13.94 -2.34 -12.16
C THR A 219 -13.24 -3.31 -11.17
N LEU A 220 -12.01 -3.72 -11.47
CA LEU A 220 -11.26 -4.54 -10.50
C LEU A 220 -11.11 -3.90 -9.14
N VAL A 221 -10.89 -2.59 -9.12
CA VAL A 221 -10.55 -1.91 -7.86
C VAL A 221 -11.77 -1.23 -7.23
N GLY A 222 -12.95 -1.38 -7.85
CA GLY A 222 -14.20 -0.86 -7.22
C GLY A 222 -14.37 0.64 -7.29
N PHE A 223 -13.98 1.22 -8.41
CA PHE A 223 -13.96 2.67 -8.55
C PHE A 223 -14.93 3.05 -9.66
N ASN A 224 -16.14 3.43 -9.29
CA ASN A 224 -17.19 3.59 -10.31
C ASN A 224 -17.14 4.91 -11.07
N ASP A 225 -17.97 4.99 -12.11
CA ASP A 225 -17.96 6.16 -12.96
C ASP A 225 -18.37 7.45 -12.27
N GLU A 226 -19.34 7.34 -11.38
CA GLU A 226 -19.86 8.49 -10.62
C GLU A 226 -18.69 9.15 -9.85
N VAL A 227 -17.96 8.33 -9.12
CA VAL A 227 -16.81 8.80 -8.35
C VAL A 227 -15.74 9.41 -9.27
N LYS A 228 -15.41 8.67 -10.33
CA LYS A 228 -14.39 9.16 -11.26
C LYS A 228 -14.71 10.55 -11.84
N GLN A 229 -15.95 10.71 -12.34
CA GLN A 229 -16.37 11.99 -12.92
C GLN A 229 -16.20 13.14 -11.91
N SER A 230 -16.53 12.83 -10.65
CA SER A 230 -16.48 13.84 -9.57
C SER A 230 -15.05 14.34 -9.32
N LEU A 231 -14.07 13.50 -9.60
CA LEU A 231 -12.67 13.83 -9.43
C LEU A 231 -11.97 14.41 -10.68
N GLU A 232 -12.73 14.63 -11.75
CA GLU A 232 -12.14 15.18 -13.00
C GLU A 232 -12.40 16.66 -13.30
N VAL A 233 -12.96 17.35 -12.34
CA VAL A 233 -13.35 18.76 -12.42
C VAL A 233 -12.12 19.65 -12.69
N GLN A 234 -12.24 20.60 -13.63
CA GLN A 234 -11.15 21.54 -13.96
C GLN A 234 -11.07 22.72 -12.98
N GLN A 235 -10.76 22.37 -11.75
CA GLN A 235 -10.66 23.32 -10.65
C GLN A 235 -9.68 22.72 -9.66
N ALA A 236 -9.03 23.57 -8.87
CA ALA A 236 -8.21 23.11 -7.78
C ALA A 236 -9.07 22.27 -6.85
N LYS A 237 -8.52 21.14 -6.38
CA LYS A 237 -9.28 20.22 -5.53
C LYS A 237 -8.53 19.93 -4.25
N PHE A 238 -9.22 20.00 -3.12
CA PHE A 238 -8.67 19.63 -1.81
C PHE A 238 -9.49 18.48 -1.26
N ILE A 239 -8.80 17.48 -0.69
CA ILE A 239 -9.50 16.35 -0.05
C ILE A 239 -9.07 16.24 1.42
N PHE A 240 -10.06 16.19 2.31
CA PHE A 240 -9.84 16.05 3.74
C PHE A 240 -9.85 14.59 4.14
N THR A 241 -8.83 14.20 4.91
CA THR A 241 -8.73 12.83 5.43
C THR A 241 -9.44 12.65 6.77
N GLY A 242 -10.58 11.96 6.74
CA GLY A 242 -11.35 11.77 7.94
C GLY A 242 -10.72 10.71 8.84
N THR A 243 -11.19 10.70 10.08
CA THR A 243 -10.76 9.67 11.02
C THR A 243 -12.00 9.08 11.72
N THR A 244 -11.76 8.21 12.70
CA THR A 244 -12.84 7.69 13.58
C THR A 244 -12.97 8.54 14.84
N THR A 245 -12.49 8.02 15.97
CA THR A 245 -12.50 8.77 17.22
C THR A 245 -11.08 8.81 17.78
N TRP A 246 -10.90 9.53 18.87
CA TRP A 246 -9.58 9.61 19.52
C TRP A 246 -9.82 9.84 21.01
N GLU A 247 -8.76 10.09 21.78
CA GLU A 247 -8.96 10.31 23.21
C GLU A 247 -9.45 11.74 23.45
N GLY A 248 -10.78 11.89 23.42
CA GLY A 248 -11.42 13.20 23.64
C GLY A 248 -12.12 13.32 24.98
N ASN A 249 -11.88 12.37 25.89
CA ASN A 249 -12.54 12.34 27.21
C ASN A 249 -14.08 12.26 27.11
N THR A 250 -14.55 11.61 26.06
CA THR A 250 -15.99 11.37 25.86
C THR A 250 -16.16 10.14 24.96
N ASP A 251 -17.25 9.41 25.15
CA ASP A 251 -17.55 8.26 24.27
C ASP A 251 -18.63 8.61 23.24
N VAL A 252 -19.04 9.88 23.21
CA VAL A 252 -20.07 10.32 22.28
C VAL A 252 -19.51 10.55 20.89
N ARG A 253 -19.92 9.70 19.95
CA ARG A 253 -19.36 9.75 18.59
C ARG A 253 -19.65 11.04 17.85
N GLU A 254 -20.81 11.63 18.13
CA GLU A 254 -21.20 12.91 17.59
C GLU A 254 -20.14 14.00 17.91
N TYR A 255 -19.47 13.89 19.06
CA TYR A 255 -18.40 14.83 19.43
C TYR A 255 -17.23 14.77 18.42
N TYR A 256 -16.83 13.55 18.09
CA TYR A 256 -15.73 13.37 17.17
C TYR A 256 -16.09 13.81 15.76
N ALA A 257 -17.34 13.60 15.36
CA ALA A 257 -17.81 14.13 14.09
C ALA A 257 -17.75 15.66 14.09
N GLN A 258 -18.25 16.25 15.17
CA GLN A 258 -18.26 17.71 15.38
C GLN A 258 -16.84 18.30 15.26
N GLN A 259 -15.89 17.71 15.95
CA GLN A 259 -14.53 18.19 15.95
C GLN A 259 -13.83 18.07 14.58
N GLN A 260 -14.14 17.01 13.83
CA GLN A 260 -13.59 16.87 12.48
C GLN A 260 -14.05 17.99 11.55
N LEU A 261 -15.30 18.44 11.71
CA LEU A 261 -15.79 19.63 10.99
C LEU A 261 -14.99 20.90 11.33
N ASN A 262 -14.67 21.12 12.60
CA ASN A 262 -13.80 22.25 12.96
C ASN A 262 -12.41 22.17 12.33
N LEU A 263 -11.81 20.98 12.33
CA LEU A 263 -10.53 20.80 11.65
C LEU A 263 -10.65 21.13 10.15
N LEU A 264 -11.74 20.68 9.53
CA LEU A 264 -11.98 20.96 8.11
C LEU A 264 -12.05 22.46 7.86
N ASN A 265 -12.72 23.18 8.77
CA ASN A 265 -12.84 24.64 8.67
C ASN A 265 -11.51 25.39 8.71
N HIS A 266 -10.53 24.83 9.40
CA HIS A 266 -9.19 25.42 9.41
C HIS A 266 -8.55 25.46 8.03
N PHE A 267 -8.96 24.52 7.16
CA PHE A 267 -8.52 24.47 5.78
C PHE A 267 -9.37 25.32 4.86
N THR A 268 -10.68 25.20 5.01
CA THR A 268 -11.62 25.84 4.07
C THR A 268 -11.86 27.35 4.28
N GLN A 269 -11.71 27.84 5.53
CA GLN A 269 -12.02 29.26 5.86
C GLN A 269 -10.80 30.18 5.87
N ALA A 270 -10.97 31.43 5.40
CA ALA A 270 -9.87 32.39 5.34
C ALA A 270 -9.20 32.66 6.70
N GLU A 271 -9.99 32.56 7.78
CA GLU A 271 -9.44 32.82 9.13
C GLU A 271 -8.80 31.60 9.77
N GLY A 272 -8.88 30.47 9.08
CA GLY A 272 -8.33 29.22 9.57
C GLY A 272 -6.81 29.28 9.56
N ASP A 273 -6.20 28.48 10.43
CA ASP A 273 -4.74 28.44 10.53
C ASP A 273 -4.08 27.80 9.33
N LEU A 274 -4.85 26.97 8.60
CA LEU A 274 -4.33 26.10 7.57
C LEU A 274 -5.01 26.41 6.23
N PHE A 275 -5.37 27.66 6.02
CA PHE A 275 -6.21 28.05 4.89
C PHE A 275 -5.59 27.74 3.54
N ILE A 276 -6.35 27.02 2.73
CA ILE A 276 -5.86 26.58 1.43
C ILE A 276 -6.20 27.52 0.27
N GLY A 277 -7.16 28.42 0.49
CA GLY A 277 -7.64 29.30 -0.59
C GLY A 277 -9.11 29.09 -0.95
N ASP A 278 -9.81 30.16 -1.31
CA ASP A 278 -11.24 30.06 -1.65
C ASP A 278 -11.57 29.38 -2.98
N HIS A 279 -10.56 29.18 -3.83
CA HIS A 279 -10.78 28.63 -5.16
C HIS A 279 -10.78 27.10 -5.23
N TYR A 280 -10.60 26.44 -4.07
CA TYR A 280 -10.58 24.98 -4.03
C TYR A 280 -11.97 24.38 -3.92
N LYS A 281 -12.20 23.34 -4.70
CA LYS A 281 -13.36 22.48 -4.53
C LYS A 281 -13.01 21.47 -3.44
N ILE A 282 -13.91 21.31 -2.50
CA ILE A 282 -13.67 20.47 -1.29
C ILE A 282 -14.28 19.08 -1.39
N TYR A 283 -13.47 18.09 -1.03
CA TYR A 283 -13.89 16.68 -0.99
C TYR A 283 -13.62 16.11 0.38
N PHE A 284 -14.40 15.07 0.71
CA PHE A 284 -14.21 14.35 1.97
C PHE A 284 -13.91 12.90 1.70
N LYS A 285 -12.79 12.40 2.22
CA LYS A 285 -12.48 10.97 2.11
C LYS A 285 -12.51 10.39 3.52
N GLY A 286 -13.66 9.82 3.89
CA GLY A 286 -13.80 9.26 5.24
C GLY A 286 -12.94 8.04 5.49
N HIS A 287 -12.63 7.83 6.77
CA HIS A 287 -11.98 6.59 7.22
C HIS A 287 -12.86 5.38 6.87
N PRO A 288 -12.25 4.29 6.37
CA PRO A 288 -13.08 3.15 5.97
C PRO A 288 -13.92 2.58 7.12
N ARG A 289 -13.55 2.84 8.37
CA ARG A 289 -14.34 2.37 9.50
C ARG A 289 -15.11 3.51 10.14
N GLY A 290 -15.17 4.67 9.49
CA GLY A 290 -15.89 5.81 10.07
C GLY A 290 -17.39 5.61 10.28
N GLY A 291 -17.99 4.75 9.46
CA GLY A 291 -19.41 4.40 9.56
C GLY A 291 -20.28 5.64 9.62
N GLU A 292 -21.16 5.72 10.60
CA GLU A 292 -22.09 6.83 10.66
C GLU A 292 -21.45 8.21 10.95
N ILE A 293 -20.23 8.25 11.50
CA ILE A 293 -19.50 9.52 11.65
C ILE A 293 -19.26 10.14 10.28
N ASN A 294 -18.99 9.29 9.27
CA ASN A 294 -18.85 9.80 7.91
C ASN A 294 -20.14 10.45 7.38
N ASP A 295 -21.28 9.82 7.65
CA ASP A 295 -22.59 10.41 7.27
C ASP A 295 -22.87 11.72 8.00
N TYR A 296 -22.50 11.79 9.27
CA TYR A 296 -22.69 13.02 10.05
C TYR A 296 -21.84 14.16 9.48
N ILE A 297 -20.56 13.90 9.21
CA ILE A 297 -19.70 14.90 8.60
C ILE A 297 -20.22 15.39 7.25
N LEU A 298 -20.62 14.48 6.37
CA LEU A 298 -21.09 14.85 5.04
C LEU A 298 -22.35 15.71 5.12
N ASN A 299 -23.22 15.39 6.05
CA ASN A 299 -24.51 16.09 6.13
C ASN A 299 -24.39 17.47 6.72
N ASN A 300 -23.40 17.67 7.56
CA ASN A 300 -23.26 18.89 8.30
C ASN A 300 -22.17 19.82 7.74
N ALA A 301 -21.42 19.32 6.77
CA ALA A 301 -20.55 20.14 5.96
C ALA A 301 -21.37 20.67 4.78
N LYS A 302 -21.05 21.87 4.32
CA LYS A 302 -21.75 22.44 3.19
C LYS A 302 -20.85 22.36 1.96
N ASN A 303 -21.46 22.08 0.81
CA ASN A 303 -20.81 22.02 -0.52
C ASN A 303 -19.52 21.22 -0.53
N ILE A 304 -19.66 20.00 -0.06
CA ILE A 304 -18.56 19.04 -0.05
C ILE A 304 -18.94 17.84 -0.90
N THR A 305 -17.96 17.26 -1.56
CA THR A 305 -18.20 16.09 -2.40
C THR A 305 -17.61 14.88 -1.68
N ASN A 306 -18.44 13.87 -1.42
CA ASN A 306 -18.00 12.62 -0.81
C ASN A 306 -17.23 11.74 -1.79
N ILE A 307 -16.10 11.19 -1.32
CA ILE A 307 -15.41 10.11 -2.01
C ILE A 307 -15.60 8.88 -1.10
N PRO A 308 -16.33 7.85 -1.59
CA PRO A 308 -16.70 6.70 -0.74
C PRO A 308 -15.52 6.17 0.08
N ALA A 309 -15.77 5.96 1.37
CA ALA A 309 -14.71 5.66 2.33
C ALA A 309 -13.94 4.38 2.01
N ASN A 310 -14.55 3.51 1.21
CA ASN A 310 -13.88 2.28 0.77
C ASN A 310 -12.78 2.48 -0.28
N ILE A 311 -12.71 3.69 -0.85
CA ILE A 311 -11.71 3.99 -1.88
C ILE A 311 -10.44 4.51 -1.18
N SER A 312 -9.28 3.93 -1.50
CA SER A 312 -8.00 4.29 -0.88
C SER A 312 -7.31 5.43 -1.60
N PHE A 313 -6.42 6.10 -0.88
CA PHE A 313 -5.53 7.05 -1.55
C PHE A 313 -4.59 6.37 -2.54
N GLU A 314 -4.28 5.11 -2.27
CA GLU A 314 -3.41 4.37 -3.18
C GLU A 314 -4.09 4.17 -4.53
N VAL A 315 -5.39 3.93 -4.52
CA VAL A 315 -6.03 3.77 -5.82
C VAL A 315 -6.25 5.10 -6.50
N LEU A 316 -6.42 6.19 -5.74
CA LEU A 316 -6.46 7.52 -6.36
C LEU A 316 -5.14 7.80 -7.10
N MET A 317 -4.00 7.50 -6.48
CA MET A 317 -2.73 7.68 -7.15
C MET A 317 -2.50 6.75 -8.33
N MET A 318 -2.88 5.48 -8.19
CA MET A 318 -2.75 4.52 -9.30
C MET A 318 -3.51 4.97 -10.57
N THR A 319 -4.62 5.66 -10.36
CA THR A 319 -5.52 6.04 -11.46
C THR A 319 -5.32 7.48 -11.96
N GLY A 320 -4.38 8.19 -11.37
CA GLY A 320 -4.07 9.57 -11.77
C GLY A 320 -5.11 10.59 -11.30
N LEU A 321 -5.88 10.22 -10.27
CA LEU A 321 -7.03 11.00 -9.81
C LEU A 321 -6.87 11.66 -8.44
N LEU A 322 -5.65 11.70 -7.90
CA LEU A 322 -5.41 12.37 -6.63
C LEU A 322 -5.67 13.86 -6.77
N PRO A 323 -6.48 14.42 -5.85
CA PRO A 323 -6.62 15.89 -5.86
C PRO A 323 -5.30 16.65 -5.71
N ASP A 324 -5.36 17.95 -5.95
CA ASP A 324 -4.20 18.82 -5.85
C ASP A 324 -3.62 18.98 -4.44
N LYS A 325 -4.48 18.92 -3.42
CA LYS A 325 -4.05 19.05 -2.04
C LYS A 325 -4.80 18.06 -1.18
N VAL A 326 -4.07 17.46 -0.25
CA VAL A 326 -4.65 16.53 0.72
C VAL A 326 -4.26 17.04 2.12
N GLY A 327 -5.22 17.03 3.05
CA GLY A 327 -4.93 17.42 4.45
C GLY A 327 -5.99 16.87 5.34
N GLY A 328 -5.79 17.00 6.65
CA GLY A 328 -6.75 16.48 7.60
C GLY A 328 -6.10 15.67 8.67
N VAL A 329 -6.84 14.68 9.18
CA VAL A 329 -6.33 13.88 10.28
C VAL A 329 -5.27 12.91 9.79
N ALA A 330 -4.22 12.77 10.61
CA ALA A 330 -3.06 11.93 10.30
C ALA A 330 -3.43 10.48 10.07
N SER A 331 -2.73 9.88 9.13
CA SER A 331 -2.78 8.44 8.86
C SER A 331 -1.52 8.08 8.10
N SER A 332 -1.13 6.80 8.15
CA SER A 332 0.05 6.36 7.38
C SER A 332 -0.13 6.53 5.88
N LEU A 333 -1.35 6.76 5.41
CA LEU A 333 -1.58 7.03 3.98
C LEU A 333 -0.75 8.22 3.47
N TYR A 334 -0.40 9.14 4.35
CA TYR A 334 0.32 10.32 3.93
C TYR A 334 1.72 9.98 3.44
N PHE A 335 2.28 8.86 3.94
CA PHE A 335 3.66 8.48 3.60
C PHE A 335 3.97 8.43 2.09
N SER A 336 3.01 7.96 1.31
CA SER A 336 3.20 7.76 -0.11
C SER A 336 2.60 8.86 -1.00
N LEU A 337 2.07 9.91 -0.37
CA LEU A 337 1.60 11.08 -1.17
C LEU A 337 2.77 11.94 -1.69
N PRO A 338 2.66 12.48 -2.91
CA PRO A 338 3.69 13.37 -3.40
C PRO A 338 3.83 14.58 -2.47
N LYS A 339 5.06 14.97 -2.22
CA LYS A 339 5.39 16.10 -1.35
C LYS A 339 4.57 17.37 -1.68
N GLU A 340 4.43 17.68 -2.97
CA GLU A 340 3.70 18.86 -3.39
C GLU A 340 2.25 18.88 -2.99
N LYS A 341 1.67 17.68 -2.77
CA LYS A 341 0.24 17.60 -2.54
C LYS A 341 -0.16 17.61 -1.07
N ILE A 342 0.81 17.52 -0.17
CA ILE A 342 0.47 17.43 1.25
C ILE A 342 0.34 18.83 1.82
N SER A 343 -0.77 19.10 2.51
CA SER A 343 -0.93 20.43 3.10
C SER A 343 -0.47 20.38 4.56
N HIS A 344 -1.40 20.05 5.44
CA HIS A 344 -1.13 19.86 6.85
C HIS A 344 -1.75 18.57 7.34
N ILE A 345 -1.04 17.94 8.26
CA ILE A 345 -1.40 16.63 8.82
C ILE A 345 -1.64 16.87 10.31
N ILE A 346 -2.84 16.54 10.77
CA ILE A 346 -3.23 16.86 12.14
C ILE A 346 -3.34 15.58 12.97
N PHE A 347 -2.52 15.51 14.01
CA PHE A 347 -2.56 14.37 14.89
C PHE A 347 -3.54 14.59 16.02
N THR A 348 -4.34 13.57 16.30
CA THR A 348 -5.30 13.55 17.39
C THR A 348 -4.67 12.84 18.60
N SER A 349 -5.25 13.06 19.79
CA SER A 349 -4.77 12.40 21.03
C SER A 349 -4.95 10.89 21.04
N ASN A 350 -3.88 10.18 21.41
CA ASN A 350 -3.98 8.75 21.74
C ASN A 350 -2.94 8.41 22.81
N LYS A 351 -2.82 7.13 23.16
CA LYS A 351 -1.84 6.68 24.14
C LYS A 351 -0.42 7.14 23.79
N GLN A 352 -0.11 7.18 22.50
CA GLN A 352 1.24 7.56 22.02
C GLN A 352 1.48 9.06 21.78
N VAL A 353 0.41 9.79 21.43
CA VAL A 353 0.57 11.18 20.94
C VAL A 353 -0.28 12.15 21.78
N LYS A 354 0.40 13.00 22.54
CA LYS A 354 -0.23 14.00 23.43
C LYS A 354 0.28 15.45 23.21
N SER A 355 1.08 15.64 22.17
CA SER A 355 1.63 16.96 21.82
C SER A 355 2.22 16.92 20.41
N LYS A 356 2.57 18.09 19.90
CA LYS A 356 3.24 18.19 18.62
C LYS A 356 4.55 17.42 18.65
N GLU A 357 5.28 17.52 19.75
CA GLU A 357 6.55 16.83 19.88
C GLU A 357 6.38 15.32 19.72
N ASP A 358 5.36 14.75 20.37
CA ASP A 358 5.02 13.32 20.21
C ASP A 358 4.67 12.98 18.75
N ALA A 359 3.89 13.84 18.12
CA ALA A 359 3.44 13.66 16.74
C ALA A 359 4.66 13.68 15.81
N LEU A 360 5.61 14.55 16.09
CA LEU A 360 6.84 14.60 15.30
C LEU A 360 7.69 13.35 15.49
N ASN A 361 7.46 12.62 16.58
CA ASN A 361 8.14 11.35 16.82
C ASN A 361 7.37 10.12 16.31
N ASN A 362 6.24 10.33 15.66
CA ASN A 362 5.50 9.22 15.04
C ASN A 362 6.44 8.52 14.04
N PRO A 363 6.40 7.16 14.01
CA PRO A 363 7.35 6.42 13.18
C PRO A 363 7.36 6.78 11.69
N TYR A 364 6.19 6.89 11.04
CA TYR A 364 6.19 7.29 9.62
C TYR A 364 6.49 8.77 9.42
N VAL A 365 6.08 9.61 10.36
CA VAL A 365 6.43 11.04 10.33
C VAL A 365 7.97 11.18 10.32
N LYS A 366 8.66 10.41 11.16
CA LYS A 366 10.14 10.44 11.20
C LYS A 366 10.78 10.11 9.86
N VAL A 367 10.27 9.09 9.19
CA VAL A 367 10.78 8.73 7.86
C VAL A 367 10.47 9.83 6.83
N MET A 368 9.22 10.32 6.83
CA MET A 368 8.84 11.41 5.91
C MET A 368 9.76 12.62 6.09
N ARG A 369 10.05 12.95 7.35
CA ARG A 369 10.96 14.05 7.68
C ARG A 369 12.37 13.80 7.15
N ARG A 370 12.91 12.60 7.37
CA ARG A 370 14.24 12.23 6.84
C ARG A 370 14.31 12.36 5.31
N LEU A 371 13.21 11.99 4.66
CA LEU A 371 13.11 12.04 3.19
C LEU A 371 12.79 13.44 2.65
N GLY A 372 12.44 14.37 3.54
CA GLY A 372 12.07 15.74 3.17
C GLY A 372 10.71 15.85 2.50
N ILE A 373 9.89 14.82 2.70
CA ILE A 373 8.53 14.73 2.13
C ILE A 373 7.63 15.78 2.80
N ILE A 374 7.86 16.01 4.10
CA ILE A 374 7.21 17.08 4.84
C ILE A 374 8.22 17.76 5.74
N ASP A 375 7.94 19.03 6.05
CA ASP A 375 8.65 19.83 7.02
C ASP A 375 7.93 19.64 8.33
N GLU A 376 8.62 19.86 9.43
CA GLU A 376 7.96 19.74 10.72
C GLU A 376 6.80 20.73 10.92
N SER A 377 6.79 21.84 10.18
CA SER A 377 5.72 22.84 10.31
C SER A 377 4.40 22.35 9.74
N GLN A 378 4.45 21.26 8.99
CA GLN A 378 3.24 20.65 8.42
C GLN A 378 2.57 19.65 9.37
N VAL A 379 3.20 19.37 10.50
CA VAL A 379 2.65 18.43 11.50
C VAL A 379 2.06 19.28 12.62
N ILE A 380 0.76 19.10 12.85
CA ILE A 380 -0.02 19.90 13.78
C ILE A 380 -0.61 18.96 14.82
N PHE A 381 -0.57 19.31 16.10
CA PHE A 381 -1.30 18.56 17.10
C PHE A 381 -2.68 19.21 17.24
N TRP A 382 -3.73 18.38 17.27
CA TRP A 382 -5.11 18.87 17.09
C TRP A 382 -5.56 19.97 18.06
N ASP A 383 -5.09 19.91 19.30
CA ASP A 383 -5.53 20.88 20.31
C ASP A 383 -4.91 22.29 20.15
N SER A 384 -3.99 22.46 19.19
CA SER A 384 -3.46 23.79 18.85
C SER A 384 -4.45 24.62 18.02
N LEU A 385 -5.47 23.96 17.46
CA LEU A 385 -6.39 24.63 16.55
C LEU A 385 -7.63 25.16 17.27
N LYS A 386 -7.86 26.46 17.19
CA LYS A 386 -8.99 27.07 17.88
C LYS A 386 -10.33 26.68 17.25
N GLN A 387 -11.41 26.85 17.99
CA GLN A 387 -12.74 26.60 17.48
C GLN A 387 -13.19 27.79 16.63
N LEU A 388 -13.48 27.52 15.35
CA LEU A 388 -13.77 28.56 14.36
C LEU A 388 -15.25 28.83 14.19
#